data_5ROR
#
_entry.id   5ROR
#
_cell.length_a   67.800
_cell.length_b   67.800
_cell.length_c   102.210
_cell.angle_alpha   90.000
_cell.angle_beta   90.000
_cell.angle_gamma   90.000
#
_symmetry.space_group_name_H-M   'P 43 21 2'
#
loop_
_entity.id
_entity.type
_entity.pdbx_description
1 polymer 'Proteinase K'
2 non-polymer 'SULFATE ION'
3 non-polymer NICOTINAMIDE
4 water water
#
_entity_poly.entity_id   1
_entity_poly.type   'polypeptide(L)'
_entity_poly.pdbx_seq_one_letter_code
;AAQTNAPWGLARISSTSPGTSTYYYDESAGQGSCVYVIDTGIEASHPEFEGRAQMVKTYYYSSRDGNGHGTHCAGTVGSR
TYGVAKKTQLFGVKVLDDNGSGQYSTIIAGMDFVASDKNNRNCPKGVVASLSLGGGYSSSVNSAAARLQSSGVMVAVAAG
NNNADARNYSPASEPSVCTVGASDRYDRRSSFSNYGSVLDIFGPGTDILSTWIGGSTRSISGTSMATPHVAGLAAYLMTL
GKTTAASACRYIADTANKGDLSNIPFGTVNLLAYNNYQA
;
_entity_poly.pdbx_strand_id   A
#
loop_
_chem_comp.id
_chem_comp.type
_chem_comp.name
_chem_comp.formula
NCA non-polymer NICOTINAMIDE 'C6 H6 N2 O'
SO4 non-polymer 'SULFATE ION' 'O4 S -2'
#
# COMPACT_ATOMS: atom_id res chain seq x y z
N ALA A 1 -6.97 -12.90 16.04
CA ALA A 1 -7.54 -11.69 16.60
C ALA A 1 -8.68 -11.20 15.72
N ALA A 2 -9.64 -10.50 16.32
CA ALA A 2 -10.82 -10.00 15.61
C ALA A 2 -11.02 -8.54 15.98
N GLN A 3 -11.18 -7.70 14.96
CA GLN A 3 -11.55 -6.30 15.14
C GLN A 3 -12.97 -6.13 14.62
N THR A 4 -13.90 -5.91 15.54
CA THR A 4 -15.30 -5.75 15.15
C THR A 4 -15.53 -4.37 14.53
N ASN A 5 -16.54 -4.29 13.67
CA ASN A 5 -16.90 -3.03 13.00
C ASN A 5 -15.69 -2.33 12.38
N ALA A 6 -14.89 -3.11 11.68
CA ALA A 6 -13.71 -2.60 11.01
C ALA A 6 -14.11 -1.91 9.72
N PRO A 7 -13.24 -1.06 9.17
CA PRO A 7 -13.48 -0.55 7.82
C PRO A 7 -13.67 -1.72 6.85
N TRP A 8 -14.56 -1.53 5.86
CA TRP A 8 -14.93 -2.65 5.02
C TRP A 8 -13.73 -3.29 4.35
N GLY A 9 -12.71 -2.49 3.99
CA GLY A 9 -11.56 -3.03 3.30
C GLY A 9 -10.75 -3.99 4.13
N LEU A 10 -10.61 -3.70 5.43
CA LEU A 10 -9.91 -4.65 6.31
C LEU A 10 -10.71 -5.93 6.43
N ALA A 11 -12.01 -5.82 6.64
CA ALA A 11 -12.83 -7.03 6.67
C ALA A 11 -12.72 -7.81 5.37
N ARG A 12 -12.66 -7.11 4.24
CA ARG A 12 -12.61 -7.79 2.96
C ARG A 12 -11.34 -8.60 2.79
N ILE A 13 -10.20 -8.07 3.23
CA ILE A 13 -8.96 -8.76 3.02
C ILE A 13 -8.80 -9.98 3.91
N SER A 14 -9.63 -10.15 4.93
CA SER A 14 -9.61 -11.39 5.70
C SER A 14 -10.82 -12.27 5.44
N SER A 15 -11.54 -12.06 4.34
CA SER A 15 -12.75 -12.81 4.11
C SER A 15 -12.75 -13.43 2.72
N THR A 16 -13.36 -14.62 2.62
CA THR A 16 -13.65 -15.21 1.32
C THR A 16 -14.95 -14.68 0.70
N SER A 17 -15.66 -13.77 1.36
CA SER A 17 -16.90 -13.20 0.85
C SER A 17 -16.97 -11.71 1.13
N PRO A 18 -17.59 -10.95 0.24
CA PRO A 18 -17.92 -9.55 0.57
C PRO A 18 -19.04 -9.52 1.61
N GLY A 19 -19.24 -8.34 2.18
CA GLY A 19 -20.41 -8.11 3.01
C GLY A 19 -20.24 -8.41 4.47
N THR A 20 -19.01 -8.55 4.97
CA THR A 20 -18.77 -8.73 6.39
C THR A 20 -18.03 -7.52 6.93
N SER A 21 -17.98 -7.41 8.26
CA SER A 21 -17.46 -6.20 8.89
C SER A 21 -16.44 -6.44 9.98
N THR A 22 -16.02 -7.67 10.24
CA THR A 22 -14.97 -7.96 11.21
C THR A 22 -13.68 -8.29 10.47
N TYR A 23 -12.57 -7.69 10.91
CA TYR A 23 -11.25 -8.00 10.38
C TYR A 23 -10.58 -9.03 11.27
N TYR A 24 -10.15 -10.15 10.68
CA TYR A 24 -9.50 -11.24 11.41
C TYR A 24 -8.04 -11.32 10.97
N TYR A 25 -7.13 -11.41 11.94
CA TYR A 25 -5.70 -11.41 11.63
C TYR A 25 -4.91 -12.01 12.79
N ASP A 26 -3.75 -12.58 12.46
CA ASP A 26 -2.87 -13.07 13.50
C ASP A 26 -2.35 -11.91 14.35
N GLU A 27 -2.32 -12.12 15.67
CA GLU A 27 -1.99 -11.03 16.59
C GLU A 27 -0.57 -10.52 16.42
N SER A 28 0.30 -11.26 15.75
CA SER A 28 1.64 -10.74 15.45
C SER A 28 1.58 -9.41 14.70
N ALA A 29 0.60 -9.25 13.82
CA ALA A 29 0.22 -7.93 13.30
C ALA A 29 1.36 -7.16 12.63
N GLY A 30 2.28 -7.86 11.98
CA GLY A 30 3.38 -7.18 11.33
C GLY A 30 4.48 -6.68 12.26
N GLN A 31 4.48 -7.09 13.51
CA GLN A 31 5.57 -6.67 14.41
C GLN A 31 6.91 -7.11 13.84
N GLY A 32 7.90 -6.24 13.92
CA GLY A 32 9.24 -6.56 13.45
C GLY A 32 9.46 -6.31 11.97
N SER A 33 8.42 -5.91 11.25
CA SER A 33 8.54 -5.47 9.87
C SER A 33 8.56 -3.95 9.81
N CYS A 34 8.87 -3.42 8.63
CA CYS A 34 8.85 -1.99 8.42
C CYS A 34 8.21 -1.68 7.09
N VAL A 35 7.42 -0.60 7.03
CA VAL A 35 6.82 -0.15 5.79
C VAL A 35 7.15 1.32 5.59
N TYR A 36 7.76 1.62 4.46
CA TYR A 36 8.02 2.99 4.06
C TYR A 36 6.84 3.46 3.21
N VAL A 37 6.31 4.63 3.57
CA VAL A 37 5.22 5.26 2.84
C VAL A 37 5.82 6.47 2.14
N ILE A 38 5.94 6.38 0.82
CA ILE A 38 6.65 7.36 0.00
C ILE A 38 5.55 8.23 -0.60
N ASP A 39 5.37 9.44 -0.08
CA ASP A 39 4.11 10.16 -0.31
C ASP A 39 4.26 11.60 0.14
N THR A 40 3.18 12.19 0.67
CA THR A 40 3.20 13.57 1.17
C THR A 40 3.71 13.70 2.60
N GLY A 41 4.15 12.61 3.22
CA GLY A 41 4.53 12.61 4.62
C GLY A 41 3.54 11.80 5.44
N ILE A 42 3.79 11.76 6.74
CA ILE A 42 2.93 11.09 7.72
C ILE A 42 2.85 11.98 8.95
N GLU A 43 1.64 12.23 9.42
CA GLU A 43 1.45 12.91 10.70
C GLU A 43 1.71 11.91 11.81
N ALA A 44 2.99 11.77 12.17
CA ALA A 44 3.39 10.72 13.11
C ALA A 44 2.81 10.91 14.50
N SER A 45 2.44 12.14 14.87
CA SER A 45 1.84 12.41 16.16
C SER A 45 0.40 11.93 16.28
N HIS A 46 -0.21 11.47 15.19
CA HIS A 46 -1.59 11.01 15.25
C HIS A 46 -1.71 9.87 16.27
N PRO A 47 -2.65 9.95 17.23
CA PRO A 47 -2.78 8.87 18.21
C PRO A 47 -2.90 7.49 17.59
N GLU A 48 -3.45 7.43 16.38
CA GLU A 48 -3.64 6.15 15.70
C GLU A 48 -2.33 5.43 15.41
N PHE A 49 -1.20 6.12 15.36
CA PHE A 49 0.07 5.46 15.06
C PHE A 49 0.81 4.98 16.29
N GLU A 50 0.44 5.45 17.48
CA GLU A 50 0.92 4.87 18.75
C GLU A 50 2.45 4.95 18.89
N GLY A 51 3.09 5.94 18.29
CA GLY A 51 4.54 6.05 18.35
C GLY A 51 5.29 5.19 17.36
N ARG A 52 4.60 4.42 16.53
CA ARG A 52 5.23 3.52 15.56
C ARG A 52 5.53 4.17 14.23
N ALA A 53 5.15 5.44 14.03
CA ALA A 53 5.44 6.15 12.79
C ALA A 53 6.50 7.21 13.02
N GLN A 54 7.32 7.43 12.01
CA GLN A 54 8.30 8.50 12.08
C GLN A 54 8.63 8.95 10.67
N MET A 55 8.87 10.25 10.53
CA MET A 55 9.39 10.78 9.28
C MET A 55 10.90 10.54 9.26
N VAL A 56 11.41 10.07 8.13
CA VAL A 56 12.84 9.85 7.98
C VAL A 56 13.46 10.69 6.87
N LYS A 57 12.68 11.27 5.96
CA LYS A 57 13.26 12.03 4.86
C LYS A 57 12.20 12.94 4.27
N THR A 58 12.62 14.15 3.91
CA THR A 58 11.80 15.05 3.11
C THR A 58 12.68 15.74 2.09
N TYR A 59 12.06 16.17 0.99
CA TYR A 59 12.74 16.92 -0.05
C TYR A 59 12.25 18.35 -0.11
N TYR A 60 11.48 18.78 0.89
CA TYR A 60 10.82 20.07 0.94
C TYR A 60 11.21 20.76 2.23
N TYR A 61 10.75 22.01 2.38
CA TYR A 61 11.16 22.79 3.55
C TYR A 61 10.72 22.17 4.86
N SER A 62 9.71 21.29 4.85
CA SER A 62 9.25 20.63 6.05
C SER A 62 9.01 19.15 5.76
N SER A 63 9.07 18.35 6.83
CA SER A 63 8.66 16.94 6.76
C SER A 63 7.19 16.75 7.12
N ARG A 64 6.48 17.81 7.47
CA ARG A 64 5.08 17.70 7.85
C ARG A 64 4.23 17.33 6.64
N ASP A 65 3.25 16.44 6.86
CA ASP A 65 2.21 16.19 5.87
C ASP A 65 1.20 17.33 5.96
N GLY A 66 1.27 18.27 5.03
CA GLY A 66 0.30 19.33 4.95
C GLY A 66 -0.84 19.04 4.03
N ASN A 67 -0.92 17.81 3.51
CA ASN A 67 -1.97 17.40 2.58
C ASN A 67 -2.97 16.45 3.23
N GLY A 68 -2.48 15.33 3.80
CA GLY A 68 -3.33 14.28 4.35
C GLY A 68 -3.19 12.95 3.63
N HIS A 69 -2.91 12.99 2.33
CA HIS A 69 -2.87 11.78 1.53
C HIS A 69 -1.89 10.75 2.10
N GLY A 70 -0.66 11.17 2.42
CA GLY A 70 0.31 10.24 2.96
C GLY A 70 -0.10 9.69 4.30
N THR A 71 -0.72 10.53 5.14
CA THR A 71 -1.20 10.08 6.44
C THR A 71 -2.31 9.05 6.29
N HIS A 72 -3.19 9.25 5.30
CA HIS A 72 -4.27 8.29 5.04
C HIS A 72 -3.70 6.94 4.60
N CYS A 73 -2.76 6.96 3.67
CA CYS A 73 -2.15 5.72 3.19
C CYS A 73 -1.42 5.02 4.33
N ALA A 74 -0.64 5.77 5.11
CA ALA A 74 0.05 5.17 6.26
C ALA A 74 -0.93 4.55 7.24
N GLY A 75 -2.08 5.19 7.44
CA GLY A 75 -3.09 4.65 8.33
C GLY A 75 -3.62 3.31 7.84
N THR A 76 -3.80 3.15 6.53
CA THR A 76 -4.27 1.87 5.99
C THR A 76 -3.20 0.80 6.13
N VAL A 77 -1.92 1.17 6.03
CA VAL A 77 -0.86 0.18 6.27
C VAL A 77 -0.90 -0.30 7.70
N GLY A 78 -0.92 0.64 8.65
CA GLY A 78 -0.50 0.31 9.99
C GLY A 78 -1.08 1.07 11.17
N SER A 79 -2.15 1.84 11.00
CA SER A 79 -2.77 2.45 12.18
C SER A 79 -3.49 1.40 13.01
N ARG A 80 -3.69 1.71 14.29
CA ARG A 80 -4.32 0.75 15.20
C ARG A 80 -5.73 0.39 14.73
N THR A 81 -6.53 1.36 14.32
CA THR A 81 -7.91 1.08 13.95
C THR A 81 -8.07 0.81 12.46
N TYR A 82 -7.35 1.55 11.62
CA TYR A 82 -7.61 1.53 10.19
C TYR A 82 -6.59 0.72 9.41
N GLY A 83 -5.62 0.10 10.10
CA GLY A 83 -4.50 -0.53 9.45
C GLY A 83 -4.56 -2.04 9.36
N VAL A 84 -3.92 -2.54 8.30
CA VAL A 84 -3.78 -3.98 8.08
C VAL A 84 -2.79 -4.60 9.05
N ALA A 85 -1.63 -3.96 9.22
CA ALA A 85 -0.50 -4.48 10.00
C ALA A 85 -0.33 -3.56 11.19
N LYS A 86 -1.07 -3.85 12.26
CA LYS A 86 -1.28 -2.90 13.35
C LYS A 86 -0.07 -2.75 14.26
N LYS A 87 0.98 -3.53 14.06
CA LYS A 87 2.19 -3.43 14.87
C LYS A 87 3.44 -3.18 14.04
N THR A 88 3.30 -2.86 12.75
CA THR A 88 4.46 -2.56 11.94
C THR A 88 5.05 -1.19 12.30
N GLN A 89 6.31 -1.00 11.91
CA GLN A 89 6.96 0.31 11.99
C GLN A 89 6.75 1.04 10.68
N LEU A 90 6.33 2.29 10.76
CA LEU A 90 6.04 3.10 9.58
C LEU A 90 7.10 4.19 9.44
N PHE A 91 7.65 4.32 8.24
CA PHE A 91 8.64 5.35 7.94
C PHE A 91 8.14 6.22 6.80
N GLY A 92 8.10 7.53 7.03
CA GLY A 92 7.62 8.47 6.04
C GLY A 92 8.75 9.08 5.24
N VAL A 93 8.56 9.10 3.91
CA VAL A 93 9.50 9.72 2.97
C VAL A 93 8.66 10.69 2.15
N LYS A 94 8.89 11.99 2.35
CA LYS A 94 8.04 13.01 1.71
C LYS A 94 8.65 13.41 0.37
N VAL A 95 8.19 12.73 -0.68
CA VAL A 95 8.55 13.08 -2.06
C VAL A 95 7.51 13.96 -2.74
N LEU A 96 6.33 14.09 -2.15
CA LEU A 96 5.25 14.91 -2.71
C LEU A 96 5.04 16.13 -1.82
N ASP A 97 4.81 17.28 -2.45
CA ASP A 97 4.53 18.51 -1.73
C ASP A 97 3.12 18.47 -1.15
N ASP A 98 2.74 19.56 -0.50
CA ASP A 98 1.45 19.58 0.19
C ASP A 98 0.27 19.70 -0.76
N ASN A 99 0.50 19.89 -2.05
CA ASN A 99 -0.55 19.77 -3.05
C ASN A 99 -0.61 18.37 -3.64
N GLY A 100 0.23 17.45 -3.18
CA GLY A 100 0.25 16.10 -3.70
C GLY A 100 1.07 15.91 -4.96
N SER A 101 1.91 16.89 -5.31
CA SER A 101 2.68 16.83 -6.55
C SER A 101 4.15 16.64 -6.24
N GLY A 102 4.86 16.01 -7.16
CA GLY A 102 6.31 15.88 -7.03
C GLY A 102 6.94 15.61 -8.37
N GLN A 103 8.16 16.10 -8.54
CA GLN A 103 8.94 15.83 -9.74
C GLN A 103 9.42 14.38 -9.73
N TYR A 104 9.51 13.81 -10.92
CA TYR A 104 10.01 12.45 -11.04
C TYR A 104 11.42 12.32 -10.45
N SER A 105 12.26 13.35 -10.62
CA SER A 105 13.60 13.29 -10.04
C SER A 105 13.54 13.12 -8.53
N THR A 106 12.62 13.82 -7.86
CA THR A 106 12.47 13.70 -6.41
C THR A 106 11.94 12.32 -6.03
N ILE A 107 10.98 11.82 -6.78
CA ILE A 107 10.40 10.50 -6.50
C ILE A 107 11.46 9.43 -6.65
N ILE A 108 12.28 9.52 -7.70
CA ILE A 108 13.38 8.57 -7.90
C ILE A 108 14.34 8.63 -6.73
N ALA A 109 14.72 9.84 -6.32
CA ALA A 109 15.62 9.98 -5.18
C ALA A 109 15.02 9.34 -3.93
N GLY A 110 13.72 9.50 -3.72
CA GLY A 110 13.08 8.88 -2.57
C GLY A 110 13.13 7.36 -2.58
N MET A 111 12.95 6.76 -3.76
CA MET A 111 13.07 5.30 -3.87
C MET A 111 14.49 4.83 -3.58
N ASP A 112 15.48 5.50 -4.18
CA ASP A 112 16.86 5.14 -3.89
C ASP A 112 17.18 5.34 -2.41
N PHE A 113 16.58 6.37 -1.80
CA PHE A 113 16.76 6.59 -0.38
C PHE A 113 16.30 5.38 0.43
N VAL A 114 15.11 4.87 0.14
CA VAL A 114 14.58 3.73 0.91
C VAL A 114 15.47 2.51 0.73
N ALA A 115 15.95 2.27 -0.51
CA ALA A 115 16.78 1.10 -0.77
C ALA A 115 18.00 1.09 0.14
N SER A 116 18.56 2.26 0.44
CA SER A 116 19.70 2.36 1.34
C SER A 116 19.28 2.47 2.80
N ASP A 117 18.28 3.32 3.08
CA ASP A 117 17.91 3.64 4.46
C ASP A 117 17.44 2.41 5.23
N LYS A 118 16.88 1.41 4.56
CA LYS A 118 16.47 0.23 5.31
C LYS A 118 17.62 -0.37 6.11
N ASN A 119 18.88 -0.12 5.72
CA ASN A 119 20.06 -0.59 6.44
C ASN A 119 20.36 0.21 7.70
N ASN A 120 19.67 1.33 7.93
CA ASN A 120 19.74 2.07 9.18
C ASN A 120 18.63 1.69 10.13
N ARG A 121 17.77 0.75 9.75
CA ARG A 121 16.57 0.47 10.51
C ARG A 121 16.51 -0.99 10.89
N ASN A 122 15.85 -1.26 12.00
CA ASN A 122 15.70 -2.62 12.50
C ASN A 122 14.38 -3.17 11.99
N CYS A 123 14.47 -4.04 11.01
CA CYS A 123 13.30 -4.63 10.34
C CYS A 123 13.57 -6.11 10.13
N PRO A 124 13.74 -6.87 11.22
CA PRO A 124 14.15 -8.27 11.07
C PRO A 124 13.18 -9.11 10.28
N LYS A 125 11.90 -8.76 10.24
CA LYS A 125 10.94 -9.54 9.49
C LYS A 125 10.80 -9.10 8.03
N GLY A 126 11.40 -7.97 7.65
CA GLY A 126 11.39 -7.55 6.27
C GLY A 126 10.87 -6.15 6.09
N VAL A 127 11.01 -5.67 4.86
CA VAL A 127 10.80 -4.27 4.51
C VAL A 127 9.87 -4.18 3.30
N VAL A 128 8.93 -3.25 3.38
CA VAL A 128 7.95 -2.99 2.34
C VAL A 128 7.99 -1.50 2.02
N ALA A 129 7.68 -1.15 0.78
CA ALA A 129 7.46 0.24 0.41
C ALA A 129 6.12 0.37 -0.29
N SER A 130 5.38 1.41 0.07
CA SER A 130 4.06 1.68 -0.48
C SER A 130 4.13 2.99 -1.26
N LEU A 131 3.82 2.92 -2.55
CA LEU A 131 3.95 4.04 -3.48
C LEU A 131 2.59 4.34 -4.11
N SER A 132 1.82 5.18 -3.43
CA SER A 132 0.51 5.61 -3.90
C SER A 132 0.68 6.89 -4.73
N LEU A 133 1.38 6.75 -5.85
CA LEU A 133 1.71 7.89 -6.69
C LEU A 133 2.01 7.37 -8.08
N GLY A 134 2.07 8.31 -9.03
CA GLY A 134 2.51 7.98 -10.36
C GLY A 134 2.07 9.02 -11.36
N GLY A 135 2.59 8.87 -12.57
CA GLY A 135 2.22 9.71 -13.68
C GLY A 135 2.47 8.93 -14.95
N GLY A 136 2.78 9.64 -16.03
CA GLY A 136 2.98 8.98 -17.31
C GLY A 136 4.24 8.14 -17.33
N TYR A 137 4.32 7.26 -18.32
CA TYR A 137 5.43 6.31 -18.42
C TYR A 137 6.78 7.02 -18.39
N SER A 138 7.68 6.48 -17.58
CA SER A 138 9.07 6.91 -17.50
C SER A 138 9.94 5.70 -17.24
N SER A 139 10.88 5.43 -18.15
CA SER A 139 11.79 4.31 -17.90
C SER A 139 12.66 4.55 -16.68
N SER A 140 13.00 5.80 -16.39
CA SER A 140 13.83 6.09 -15.22
C SER A 140 13.07 5.86 -13.92
N VAL A 141 11.80 6.23 -13.87
CA VAL A 141 10.98 5.95 -12.70
C VAL A 141 10.82 4.44 -12.51
N ASN A 142 10.54 3.73 -13.60
CA ASN A 142 10.40 2.27 -13.50
C ASN A 142 11.69 1.62 -13.03
N SER A 143 12.84 2.08 -13.56
CA SER A 143 14.13 1.57 -13.13
C SER A 143 14.36 1.77 -11.64
N ALA A 144 14.00 2.94 -11.13
CA ALA A 144 14.16 3.21 -9.71
C ALA A 144 13.29 2.26 -8.88
N ALA A 145 12.06 2.01 -9.31
CA ALA A 145 11.22 1.06 -8.59
C ALA A 145 11.80 -0.34 -8.66
N ALA A 146 12.35 -0.72 -9.82
CA ALA A 146 12.98 -2.02 -9.95
C ALA A 146 14.20 -2.15 -9.05
N ARG A 147 14.99 -1.08 -8.93
CA ARG A 147 16.14 -1.12 -8.02
C ARG A 147 15.68 -1.30 -6.58
N LEU A 148 14.65 -0.55 -6.18
CA LEU A 148 14.16 -0.65 -4.81
C LEU A 148 13.72 -2.07 -4.49
N GLN A 149 12.98 -2.69 -5.41
CA GLN A 149 12.56 -4.08 -5.23
C GLN A 149 13.76 -5.01 -5.16
N SER A 150 14.69 -4.86 -6.11
CA SER A 150 15.88 -5.71 -6.16
C SER A 150 16.69 -5.62 -4.87
N SER A 151 16.71 -4.46 -4.22
CA SER A 151 17.47 -4.26 -3.00
C SER A 151 16.92 -5.06 -1.81
N GLY A 152 15.73 -5.66 -1.94
CA GLY A 152 15.17 -6.44 -0.85
C GLY A 152 13.99 -5.77 -0.18
N VAL A 153 13.22 -5.00 -0.93
CA VAL A 153 12.03 -4.30 -0.43
C VAL A 153 10.85 -4.76 -1.26
N MET A 154 9.77 -5.15 -0.60
CA MET A 154 8.52 -5.44 -1.30
C MET A 154 7.90 -4.13 -1.74
N VAL A 155 7.90 -3.85 -3.05
CA VAL A 155 7.39 -2.59 -3.56
C VAL A 155 5.98 -2.78 -4.07
N ALA A 156 5.03 -2.08 -3.45
CA ALA A 156 3.64 -2.04 -3.89
C ALA A 156 3.36 -0.67 -4.48
N VAL A 157 2.81 -0.63 -5.70
CA VAL A 157 2.57 0.62 -6.39
C VAL A 157 1.13 0.69 -6.88
N ALA A 158 0.59 1.90 -6.89
CA ALA A 158 -0.77 2.12 -7.37
C ALA A 158 -0.84 1.96 -8.89
N ALA A 159 -1.91 1.31 -9.37
CA ALA A 159 -2.06 1.15 -10.82
C ALA A 159 -2.37 2.48 -11.50
N GLY A 160 -2.99 3.42 -10.78
CA GLY A 160 -3.43 4.69 -11.33
C GLY A 160 -4.94 4.74 -11.47
N ASN A 161 -5.47 5.97 -11.61
CA ASN A 161 -6.88 6.27 -11.48
C ASN A 161 -7.50 6.80 -12.76
N ASN A 162 -7.04 6.31 -13.91
CA ASN A 162 -7.45 6.85 -15.20
C ASN A 162 -8.43 5.94 -15.95
N ASN A 163 -8.89 4.85 -15.33
CA ASN A 163 -9.69 3.86 -16.01
C ASN A 163 -9.07 3.50 -17.36
N ALA A 164 -7.77 3.21 -17.34
CA ALA A 164 -7.00 3.00 -18.55
C ALA A 164 -5.99 1.89 -18.30
N ASP A 165 -5.30 1.48 -19.36
CA ASP A 165 -4.28 0.45 -19.21
C ASP A 165 -3.06 1.01 -18.49
N ALA A 166 -2.67 0.37 -17.40
CA ALA A 166 -1.57 0.82 -16.56
C ALA A 166 -0.21 0.71 -17.23
N ARG A 167 -0.12 0.08 -18.41
CA ARG A 167 1.15 0.02 -19.13
C ARG A 167 1.69 1.42 -19.46
N ASN A 168 0.83 2.44 -19.47
CA ASN A 168 1.24 3.80 -19.84
C ASN A 168 1.52 4.69 -18.64
N TYR A 169 1.69 4.10 -17.46
CA TYR A 169 1.88 4.87 -16.23
C TYR A 169 3.06 4.29 -15.46
N SER A 170 3.72 5.14 -14.69
CA SER A 170 4.88 4.73 -13.91
C SER A 170 4.74 5.24 -12.49
N PRO A 171 5.19 4.47 -11.48
CA PRO A 171 5.86 3.17 -11.62
C PRO A 171 4.95 1.96 -11.85
N ALA A 172 3.65 2.19 -12.09
CA ALA A 172 2.70 1.10 -12.26
C ALA A 172 3.17 0.07 -13.29
N SER A 173 3.80 0.53 -14.37
CA SER A 173 4.14 -0.35 -15.48
C SER A 173 5.45 -1.10 -15.28
N GLU A 174 6.17 -0.90 -14.19
CA GLU A 174 7.40 -1.67 -13.96
C GLU A 174 7.04 -3.10 -13.63
N PRO A 175 7.43 -4.09 -14.45
CA PRO A 175 6.96 -5.46 -14.21
C PRO A 175 7.39 -6.07 -12.89
N SER A 176 8.56 -5.68 -12.35
CA SER A 176 9.10 -6.40 -11.22
C SER A 176 8.52 -5.96 -9.88
N VAL A 177 7.71 -4.91 -9.83
CA VAL A 177 7.06 -4.51 -8.58
C VAL A 177 5.66 -5.07 -8.54
N CYS A 178 4.91 -4.76 -7.49
CA CYS A 178 3.56 -5.28 -7.30
C CYS A 178 2.56 -4.17 -7.59
N THR A 179 1.88 -4.27 -8.73
CA THR A 179 0.99 -3.21 -9.19
C THR A 179 -0.45 -3.50 -8.77
N VAL A 180 -1.07 -2.54 -8.10
CA VAL A 180 -2.30 -2.75 -7.34
C VAL A 180 -3.45 -1.95 -7.94
N GLY A 181 -4.51 -2.67 -8.38
CA GLY A 181 -5.75 -2.02 -8.76
C GLY A 181 -6.72 -1.91 -7.58
N ALA A 182 -7.84 -1.22 -7.81
CA ALA A 182 -8.80 -0.93 -6.75
C ALA A 182 -10.15 -1.60 -7.01
N SER A 183 -10.76 -2.08 -5.93
CA SER A 183 -12.11 -2.64 -5.91
C SER A 183 -12.99 -1.92 -4.88
N ASP A 184 -14.29 -2.14 -5.00
CA ASP A 184 -15.26 -1.56 -4.07
C ASP A 184 -15.88 -2.65 -3.19
N ARG A 185 -16.75 -2.21 -2.28
CA ARG A 185 -17.26 -3.13 -1.25
C ARG A 185 -18.24 -4.16 -1.80
N TYR A 186 -18.69 -4.01 -3.04
CA TYR A 186 -19.50 -5.00 -3.71
C TYR A 186 -18.69 -5.85 -4.68
N ASP A 187 -17.36 -5.85 -4.54
CA ASP A 187 -16.49 -6.67 -5.36
C ASP A 187 -16.55 -6.28 -6.83
N ARG A 188 -16.74 -5.00 -7.10
CA ARG A 188 -16.64 -4.47 -8.46
C ARG A 188 -15.30 -3.75 -8.60
N ARG A 189 -14.71 -3.83 -9.78
CA ARG A 189 -13.57 -2.96 -10.06
C ARG A 189 -14.00 -1.51 -9.84
N SER A 190 -13.18 -0.76 -9.11
CA SER A 190 -13.52 0.64 -8.87
C SER A 190 -13.58 1.37 -10.20
N SER A 191 -14.50 2.33 -10.28
CA SER A 191 -14.81 2.98 -11.56
C SER A 191 -13.59 3.62 -12.20
N PHE A 192 -12.66 4.15 -11.39
CA PHE A 192 -11.48 4.85 -11.85
C PHE A 192 -10.26 3.95 -11.99
N SER A 193 -10.33 2.69 -11.54
CA SER A 193 -9.10 1.89 -11.45
C SER A 193 -8.52 1.61 -12.82
N ASN A 194 -7.23 1.83 -12.97
CA ASN A 194 -6.54 1.31 -14.14
C ASN A 194 -6.56 -0.22 -14.12
N TYR A 195 -6.23 -0.82 -15.26
CA TYR A 195 -6.30 -2.25 -15.49
C TYR A 195 -5.15 -2.64 -16.41
N GLY A 196 -5.16 -3.88 -16.88
CA GLY A 196 -4.18 -4.35 -17.84
C GLY A 196 -3.36 -5.51 -17.30
N SER A 197 -2.58 -6.08 -18.22
CA SER A 197 -1.76 -7.24 -17.89
C SER A 197 -0.69 -6.94 -16.84
N VAL A 198 -0.30 -5.68 -16.67
CA VAL A 198 0.72 -5.38 -15.67
C VAL A 198 0.20 -5.44 -14.23
N LEU A 199 -1.11 -5.40 -14.02
CA LEU A 199 -1.62 -5.50 -12.66
C LEU A 199 -1.32 -6.87 -12.08
N ASP A 200 -0.95 -6.88 -10.79
CA ASP A 200 -0.70 -8.10 -10.07
C ASP A 200 -1.87 -8.51 -9.18
N ILE A 201 -2.65 -7.56 -8.70
CA ILE A 201 -3.58 -7.80 -7.59
C ILE A 201 -4.51 -6.60 -7.49
N PHE A 202 -5.68 -6.83 -6.92
CA PHE A 202 -6.60 -5.76 -6.53
C PHE A 202 -6.70 -5.71 -5.02
N GLY A 203 -6.91 -4.51 -4.50
CA GLY A 203 -7.22 -4.31 -3.10
C GLY A 203 -8.34 -3.31 -2.94
N PRO A 204 -8.92 -3.23 -1.74
CA PRO A 204 -10.00 -2.26 -1.49
C PRO A 204 -9.55 -0.83 -1.75
N GLY A 205 -10.30 -0.12 -2.59
CA GLY A 205 -9.92 1.23 -2.94
C GLY A 205 -11.04 2.25 -3.00
N THR A 206 -12.30 1.84 -2.92
CA THR A 206 -13.41 2.80 -2.95
C THR A 206 -13.97 2.98 -1.55
N ASP A 207 -14.04 4.24 -1.11
CA ASP A 207 -14.61 4.60 0.19
C ASP A 207 -13.86 3.95 1.36
N ILE A 208 -12.59 4.31 1.47
CA ILE A 208 -11.68 3.74 2.47
C ILE A 208 -11.47 4.73 3.60
N LEU A 209 -11.92 4.36 4.80
CA LEU A 209 -11.74 5.16 5.99
C LEU A 209 -10.34 4.96 6.56
N SER A 210 -9.66 6.06 6.84
CA SER A 210 -8.34 5.99 7.45
C SER A 210 -8.04 7.33 8.14
N THR A 211 -6.81 7.44 8.65
CA THR A 211 -6.32 8.62 9.33
C THR A 211 -6.17 9.80 8.38
N TRP A 212 -6.25 11.00 8.95
CA TRP A 212 -6.02 12.24 8.23
C TRP A 212 -5.28 13.21 9.14
N ILE A 213 -4.76 14.27 8.54
CA ILE A 213 -4.02 15.25 9.32
C ILE A 213 -4.94 16.00 10.28
N GLY A 214 -4.32 16.65 11.26
CA GLY A 214 -5.08 17.25 12.35
C GLY A 214 -5.67 16.23 13.29
N GLY A 215 -5.06 15.05 13.39
CA GLY A 215 -5.58 14.01 14.27
C GLY A 215 -6.96 13.52 13.92
N SER A 216 -7.32 13.52 12.64
CA SER A 216 -8.68 13.24 12.23
C SER A 216 -8.73 11.95 11.42
N THR A 217 -9.88 11.72 10.78
CA THR A 217 -10.09 10.58 9.90
C THR A 217 -11.01 11.00 8.77
N ARG A 218 -10.93 10.31 7.64
CA ARG A 218 -11.90 10.51 6.57
C ARG A 218 -11.84 9.34 5.61
N SER A 219 -12.87 9.25 4.79
CA SER A 219 -12.98 8.21 3.77
C SER A 219 -12.75 8.84 2.42
N ILE A 220 -11.79 8.28 1.67
CA ILE A 220 -11.49 8.71 0.30
C ILE A 220 -11.28 7.46 -0.55
N SER A 221 -11.12 7.68 -1.86
CA SER A 221 -11.06 6.60 -2.83
C SER A 221 -9.88 6.76 -3.77
N GLY A 222 -9.33 5.64 -4.22
CA GLY A 222 -8.27 5.66 -5.20
C GLY A 222 -7.52 4.35 -5.21
N THR A 223 -6.75 4.13 -6.30
CA THR A 223 -5.75 3.08 -6.23
C THR A 223 -4.69 3.41 -5.19
N SER A 224 -4.59 4.68 -4.80
CA SER A 224 -3.75 5.08 -3.68
C SER A 224 -4.17 4.41 -2.38
N MET A 225 -5.45 4.09 -2.25
CA MET A 225 -5.97 3.46 -1.03
C MET A 225 -5.85 1.95 -1.08
N ALA A 226 -5.91 1.39 -2.29
CA ALA A 226 -5.74 -0.06 -2.45
C ALA A 226 -4.30 -0.48 -2.17
N THR A 227 -3.35 0.30 -2.65
CA THR A 227 -1.92 -0.02 -2.53
C THR A 227 -1.49 -0.27 -1.09
N PRO A 228 -1.82 0.58 -0.11
CA PRO A 228 -1.38 0.30 1.27
C PRO A 228 -2.07 -0.90 1.89
N HIS A 229 -3.25 -1.32 1.41
CA HIS A 229 -3.78 -2.60 1.88
C HIS A 229 -2.83 -3.72 1.53
N VAL A 230 -2.32 -3.71 0.30
CA VAL A 230 -1.39 -4.74 -0.16
C VAL A 230 -0.04 -4.61 0.54
N ALA A 231 0.44 -3.37 0.72
CA ALA A 231 1.70 -3.17 1.44
C ALA A 231 1.59 -3.68 2.88
N GLY A 232 0.51 -3.34 3.57
CA GLY A 232 0.32 -3.84 4.92
C GLY A 232 0.18 -5.34 4.96
N LEU A 233 -0.53 -5.90 3.97
CA LEU A 233 -0.68 -7.36 3.91
C LEU A 233 0.68 -8.03 3.75
N ALA A 234 1.54 -7.49 2.88
CA ALA A 234 2.88 -8.04 2.70
C ALA A 234 3.67 -8.02 4.01
N ALA A 235 3.62 -6.90 4.74
CA ALA A 235 4.34 -6.80 6.01
C ALA A 235 3.83 -7.84 7.00
N TYR A 236 2.51 -7.98 7.08
CA TYR A 236 1.87 -8.96 7.94
C TYR A 236 2.32 -10.38 7.60
N LEU A 237 2.34 -10.72 6.31
CA LEU A 237 2.73 -12.07 5.90
C LEU A 237 4.22 -12.32 6.10
N MET A 238 5.04 -11.29 5.93
CA MET A 238 6.47 -11.43 6.16
C MET A 238 6.75 -11.66 7.64
N THR A 239 6.04 -10.96 8.53
CA THR A 239 6.20 -11.21 9.96
C THR A 239 5.82 -12.64 10.32
N LEU A 240 4.80 -13.18 9.66
CA LEU A 240 4.43 -14.58 9.88
C LEU A 240 5.44 -15.56 9.31
N GLY A 241 6.41 -15.11 8.52
CA GLY A 241 7.38 -15.99 7.91
C GLY A 241 6.89 -16.70 6.68
N LYS A 242 5.73 -16.32 6.14
CA LYS A 242 5.14 -17.03 5.01
C LYS A 242 5.76 -16.65 3.68
N THR A 243 6.45 -15.52 3.61
CA THR A 243 6.99 -15.04 2.35
C THR A 243 8.09 -14.03 2.66
N THR A 244 8.71 -13.53 1.59
CA THR A 244 9.84 -12.60 1.68
C THR A 244 9.57 -11.42 0.76
N ALA A 245 10.41 -10.39 0.86
CA ALA A 245 10.23 -9.20 0.02
C ALA A 245 10.25 -9.56 -1.45
N ALA A 246 11.14 -10.47 -1.85
CA ALA A 246 11.28 -10.83 -3.27
C ALA A 246 10.12 -11.69 -3.76
N SER A 247 9.39 -12.35 -2.86
CA SER A 247 8.39 -13.32 -3.26
C SER A 247 6.97 -12.95 -2.83
N ALA A 248 6.80 -11.84 -2.11
CA ALA A 248 5.50 -11.56 -1.48
C ALA A 248 4.42 -11.22 -2.49
N CYS A 249 4.75 -10.50 -3.57
CA CYS A 249 3.74 -10.20 -4.57
C CYS A 249 3.18 -11.49 -5.18
N ARG A 250 4.07 -12.41 -5.56
CA ARG A 250 3.64 -13.69 -6.10
C ARG A 250 2.83 -14.48 -5.07
N TYR A 251 3.26 -14.44 -3.81
CA TYR A 251 2.53 -15.17 -2.78
C TYR A 251 1.13 -14.60 -2.59
N ILE A 252 1.01 -13.28 -2.59
CA ILE A 252 -0.30 -12.65 -2.45
C ILE A 252 -1.19 -13.05 -3.63
N ALA A 253 -0.64 -13.04 -4.85
CA ALA A 253 -1.41 -13.48 -6.01
C ALA A 253 -1.80 -14.96 -5.88
N ASP A 254 -0.86 -15.79 -5.42
CA ASP A 254 -1.12 -17.23 -5.27
C ASP A 254 -2.27 -17.49 -4.31
N THR A 255 -2.38 -16.68 -3.26
CA THR A 255 -3.32 -16.92 -2.17
C THR A 255 -4.55 -16.03 -2.27
N ALA A 256 -4.68 -15.25 -3.33
CA ALA A 256 -5.77 -14.29 -3.47
C ALA A 256 -7.11 -14.99 -3.64
N ASN A 257 -8.18 -14.26 -3.36
CA ASN A 257 -9.50 -14.70 -3.81
C ASN A 257 -9.57 -14.49 -5.33
N LYS A 258 -9.95 -15.54 -6.06
CA LYS A 258 -9.84 -15.57 -7.51
C LYS A 258 -11.21 -15.59 -8.17
N GLY A 259 -11.38 -14.77 -9.20
CA GLY A 259 -12.59 -14.81 -9.98
C GLY A 259 -13.80 -14.14 -9.36
N ASP A 260 -13.62 -13.32 -8.33
CA ASP A 260 -14.75 -12.79 -7.56
C ASP A 260 -15.09 -11.34 -7.90
N LEU A 261 -14.27 -10.66 -8.67
CA LEU A 261 -14.51 -9.26 -8.99
C LEU A 261 -15.26 -9.14 -10.32
N SER A 262 -16.12 -8.15 -10.40
CA SER A 262 -16.83 -7.83 -11.63
C SER A 262 -16.21 -6.64 -12.35
N ASN A 263 -16.49 -6.56 -13.66
CA ASN A 263 -15.94 -5.55 -14.56
C ASN A 263 -14.42 -5.56 -14.63
N ILE A 264 -13.83 -6.76 -14.58
CA ILE A 264 -12.41 -6.94 -14.84
C ILE A 264 -12.23 -7.14 -16.35
N PRO A 265 -11.53 -6.25 -17.04
CA PRO A 265 -11.37 -6.42 -18.49
C PRO A 265 -10.65 -7.72 -18.79
N PHE A 266 -11.04 -8.35 -19.90
CA PHE A 266 -10.35 -9.53 -20.38
C PHE A 266 -8.86 -9.24 -20.49
N GLY A 267 -8.04 -10.09 -19.88
CA GLY A 267 -6.60 -9.92 -19.87
C GLY A 267 -6.02 -9.32 -18.60
N THR A 268 -6.86 -8.85 -17.69
CA THR A 268 -6.46 -8.36 -16.39
C THR A 268 -6.74 -9.45 -15.36
N VAL A 269 -5.84 -9.61 -14.38
CA VAL A 269 -6.07 -10.62 -13.35
C VAL A 269 -7.35 -10.32 -12.57
N ASN A 270 -8.05 -11.38 -12.20
CA ASN A 270 -9.21 -11.28 -11.32
C ASN A 270 -8.79 -11.88 -9.98
N LEU A 271 -8.02 -11.09 -9.21
CA LEU A 271 -7.41 -11.53 -7.98
C LEU A 271 -7.56 -10.44 -6.94
N LEU A 272 -8.06 -10.79 -5.76
CA LEU A 272 -8.33 -9.84 -4.69
C LEU A 272 -7.53 -10.26 -3.46
N ALA A 273 -6.73 -9.32 -2.94
CA ALA A 273 -5.82 -9.61 -1.83
C ALA A 273 -6.57 -10.22 -0.65
N TYR A 274 -5.97 -11.26 -0.05
CA TYR A 274 -6.62 -12.05 0.98
C TYR A 274 -5.55 -12.62 1.92
N ASN A 275 -5.76 -12.49 3.22
CA ASN A 275 -4.73 -12.89 4.19
C ASN A 275 -4.78 -14.37 4.55
N ASN A 276 -5.81 -15.10 4.13
CA ASN A 276 -5.92 -16.53 4.40
C ASN A 276 -5.76 -16.86 5.88
N TYR A 277 -6.23 -15.98 6.75
CA TYR A 277 -6.10 -16.22 8.18
C TYR A 277 -7.23 -17.12 8.64
N GLN A 278 -6.85 -18.18 9.36
CA GLN A 278 -7.81 -19.09 9.98
C GLN A 278 -7.52 -19.13 11.47
N ALA A 279 -8.43 -18.59 12.28
CA ALA A 279 -8.31 -18.64 13.73
C ALA A 279 -8.41 -20.08 14.23
S SO4 B . -17.38 1.49 5.83
O1 SO4 B . -17.32 2.51 4.79
O2 SO4 B . -18.21 0.37 5.41
O3 SO4 B . -16.04 1.01 6.11
O4 SO4 B . -17.93 2.07 7.05
N1 NCA C . -12.71 -18.77 -6.66
C2 NCA C . -12.85 -18.50 -5.35
C3 NCA C . -14.11 -18.23 -4.83
C4 NCA C . -15.19 -18.23 -5.65
C5 NCA C . -15.05 -18.49 -6.97
C6 NCA C . -13.78 -18.78 -7.48
C7 NCA C . -14.29 -17.94 -3.35
O7 NCA C . -15.29 -18.22 -2.80
N7 NCA C . -13.22 -17.29 -2.60
#